data_5VVM
#
_entry.id   5VVM
#
_cell.length_a   116.714
_cell.length_b   166.806
_cell.length_c   47.930
_cell.angle_alpha   90.00
_cell.angle_beta   102.53
_cell.angle_gamma   90.00
#
_symmetry.space_group_name_H-M   'C 1 2 1'
#
loop_
_entity.id
_entity.type
_entity.pdbx_description
1 polymer Cadherin-23
2 non-polymer 'CALCIUM ION'
#
_entity_poly.entity_id   1
_entity_poly.type   'polypeptide(L)'
_entity_poly.pdbx_seq_one_letter_code
;MDSRPEFLNPIQTVSVLESAEPGTVIANITAIDHDLNPKLEYHIVGIVAKDDTDRLVPNQEDAFAVNINTGSVMVKSPMN
RELVATYEVTLSVIDNASDLPERSVSVPNAKLTVNVLDVNDNTPQFKPFGITYYMERILEGATPGTTLIAVAAVDPDKGL
NGLVTYTLLDLVPPGYVQLEDSSAGKVIANRTVDYEEVHWLNFTVRASDNGSPPRAAEIPVYLEIVDINDNNPIFDQPSY
QEAVFEDVPVGTIILTVTATDADSGNFALIEYSLGDGESKFAINPTTGDIYVLSSLDREKKDHYILTALAKDNPGDVASN
RRENSVQVVIQVLDVNDCLEHHHHHH
;
_entity_poly.pdbx_strand_id   A,B
#
# COMPACT_ATOMS: atom_id res chain seq x y z
N ASN A 9 -25.42 -8.32 -30.79
CA ASN A 9 -24.79 -7.89 -29.51
C ASN A 9 -23.75 -6.82 -29.78
N PRO A 10 -24.19 -5.55 -29.92
CA PRO A 10 -23.26 -4.42 -30.12
C PRO A 10 -22.17 -4.27 -29.06
N ILE A 11 -22.47 -4.58 -27.81
CA ILE A 11 -21.57 -4.21 -26.70
C ILE A 11 -20.89 -5.44 -26.03
N GLN A 12 -19.62 -5.64 -26.40
CA GLN A 12 -18.84 -6.81 -26.00
C GLN A 12 -17.68 -6.38 -25.10
N THR A 13 -16.95 -7.37 -24.56
CA THR A 13 -15.75 -7.10 -23.73
C THR A 13 -14.70 -8.16 -23.94
N VAL A 14 -13.44 -7.77 -24.06
CA VAL A 14 -12.36 -8.75 -24.33
C VAL A 14 -11.05 -8.33 -23.63
N SER A 15 -10.35 -9.29 -23.02
CA SER A 15 -9.07 -8.99 -22.35
C SER A 15 -7.88 -9.36 -23.25
N VAL A 16 -6.75 -8.67 -23.02
CA VAL A 16 -5.54 -8.85 -23.84
C VAL A 16 -4.29 -8.80 -22.98
N LEU A 17 -3.23 -9.44 -23.44
CA LEU A 17 -1.93 -9.36 -22.79
C LEU A 17 -1.21 -8.12 -23.26
N GLU A 18 -0.63 -7.36 -22.34
CA GLU A 18 0.15 -6.19 -22.74
C GLU A 18 1.29 -6.57 -23.70
N SER A 19 1.79 -7.78 -23.55
CA SER A 19 2.82 -8.29 -24.42
C SER A 19 2.30 -8.73 -25.78
N ALA A 20 0.99 -8.81 -25.97
CA ALA A 20 0.40 -9.17 -27.26
C ALA A 20 0.90 -8.26 -28.38
N GLU A 21 1.44 -8.87 -29.43
CA GLU A 21 2.11 -8.12 -30.52
C GLU A 21 1.09 -7.38 -31.39
N PRO A 22 1.54 -6.37 -32.14
CA PRO A 22 0.71 -5.78 -33.17
C PRO A 22 0.12 -6.79 -34.14
N GLY A 23 -1.06 -6.48 -34.65
CA GLY A 23 -1.74 -7.37 -35.59
C GLY A 23 -2.52 -8.50 -34.94
N THR A 24 -2.28 -8.77 -33.66
CA THR A 24 -2.95 -9.87 -32.98
C THR A 24 -4.44 -9.60 -32.91
N VAL A 25 -5.20 -10.27 -33.76
CA VAL A 25 -6.66 -10.15 -33.73
C VAL A 25 -7.14 -10.40 -32.33
N ILE A 26 -7.65 -9.36 -31.69
CA ILE A 26 -8.19 -9.47 -30.34
C ILE A 26 -9.69 -9.73 -30.34
N ALA A 27 -10.39 -9.26 -31.36
CA ALA A 27 -11.84 -9.37 -31.39
C ALA A 27 -12.37 -9.32 -32.81
N ASN A 28 -13.66 -9.54 -32.92
CA ASN A 28 -14.31 -9.59 -34.19
C ASN A 28 -15.74 -9.17 -33.96
N ILE A 29 -16.16 -8.08 -34.61
CA ILE A 29 -17.56 -7.68 -34.55
C ILE A 29 -18.18 -7.77 -35.93
N THR A 30 -19.48 -8.04 -35.99
CA THR A 30 -20.20 -8.13 -37.25
C THR A 30 -21.57 -7.45 -37.17
N ALA A 31 -22.21 -7.29 -38.33
CA ALA A 31 -23.64 -6.97 -38.42
C ALA A 31 -24.38 -8.26 -38.69
N ILE A 32 -25.70 -8.24 -38.63
CA ILE A 32 -26.47 -9.44 -38.99
C ILE A 32 -26.43 -9.66 -40.52
N ASP A 33 -26.04 -10.88 -40.89
CA ASP A 33 -25.82 -11.29 -42.28
C ASP A 33 -24.84 -10.37 -43.04
N HIS A 34 -23.73 -10.08 -42.38
CA HIS A 34 -22.70 -9.24 -42.97
C HIS A 34 -22.05 -9.97 -44.15
N ASP A 35 -22.53 -11.18 -44.43
CA ASP A 35 -22.10 -11.95 -45.58
C ASP A 35 -23.14 -11.94 -46.69
N LEU A 36 -24.43 -11.80 -46.33
CA LEU A 36 -25.47 -11.41 -47.32
C LEU A 36 -25.16 -9.99 -47.80
N ASN A 37 -24.71 -9.13 -46.87
CA ASN A 37 -24.18 -7.79 -47.23
C ASN A 37 -22.65 -7.79 -47.35
N PRO A 38 -22.10 -7.73 -48.58
CA PRO A 38 -20.65 -7.54 -48.68
C PRO A 38 -20.26 -6.06 -48.66
N LYS A 39 -21.23 -5.16 -48.83
CA LYS A 39 -20.96 -3.72 -49.00
C LYS A 39 -21.11 -2.99 -47.66
N LEU A 40 -20.47 -3.53 -46.65
CA LEU A 40 -20.49 -2.97 -45.32
C LEU A 40 -19.09 -2.45 -45.01
N GLU A 41 -19.04 -1.36 -44.25
CA GLU A 41 -17.75 -0.78 -43.82
C GLU A 41 -17.71 -0.79 -42.31
N TYR A 42 -16.72 -1.47 -41.74
CA TYR A 42 -16.52 -1.38 -40.29
C TYR A 42 -15.48 -0.31 -40.01
N HIS A 43 -15.76 0.55 -39.03
CA HIS A 43 -14.84 1.63 -38.68
C HIS A 43 -14.71 1.80 -37.14
N ILE A 44 -13.48 2.06 -36.68
CA ILE A 44 -13.20 2.52 -35.31
C ILE A 44 -13.34 4.04 -35.23
N VAL A 45 -14.32 4.53 -34.50
CA VAL A 45 -14.62 5.97 -34.46
C VAL A 45 -13.87 6.70 -33.33
N GLY A 46 -13.69 6.03 -32.19
CA GLY A 46 -12.94 6.60 -31.07
C GLY A 46 -12.32 5.55 -30.15
N ILE A 47 -11.23 5.92 -29.49
CA ILE A 47 -10.58 5.08 -28.46
C ILE A 47 -10.43 5.88 -27.17
N VAL A 48 -10.76 5.23 -26.05
CA VAL A 48 -10.76 5.87 -24.74
C VAL A 48 -9.88 5.05 -23.77
N ALA A 49 -8.67 5.58 -23.52
CA ALA A 49 -7.62 4.85 -22.80
C ALA A 49 -7.52 5.31 -21.34
N LYS A 50 -7.44 4.33 -20.42
CA LYS A 50 -7.40 4.59 -18.98
C LYS A 50 -6.43 3.68 -18.21
N ASP A 51 -5.98 4.22 -17.07
CA ASP A 51 -5.03 3.56 -16.17
C ASP A 51 -5.68 2.46 -15.35
N ASP A 52 -4.82 1.71 -14.65
CA ASP A 52 -5.24 0.85 -13.53
C ASP A 52 -5.81 1.64 -12.36
N THR A 53 -5.47 2.93 -12.31
CA THR A 53 -6.09 3.93 -11.43
C THR A 53 -7.37 4.61 -11.97
N ASP A 54 -7.93 4.08 -13.06
CA ASP A 54 -9.10 4.71 -13.72
C ASP A 54 -8.78 6.10 -14.33
N ARG A 55 -7.58 6.64 -14.13
CA ARG A 55 -7.21 7.94 -14.71
C ARG A 55 -7.23 7.86 -16.23
N LEU A 56 -7.44 8.98 -16.90
CA LEU A 56 -7.55 8.97 -18.36
C LEU A 56 -6.21 9.28 -19.02
N VAL A 57 -5.99 8.70 -20.20
CA VAL A 57 -4.72 8.80 -20.92
C VAL A 57 -4.95 9.27 -22.37
N PRO A 58 -4.47 10.48 -22.70
CA PRO A 58 -4.80 11.04 -24.02
C PRO A 58 -4.01 10.40 -25.16
N ASN A 59 -4.43 10.75 -26.39
CA ASN A 59 -3.68 10.47 -27.63
C ASN A 59 -3.44 8.97 -27.92
N GLN A 60 -4.43 8.15 -27.60
CA GLN A 60 -4.31 6.72 -27.75
C GLN A 60 -5.19 6.18 -28.88
N GLU A 61 -5.64 7.07 -29.77
CA GLU A 61 -6.45 6.66 -30.92
C GLU A 61 -5.65 5.89 -32.01
N ASP A 62 -4.32 5.81 -31.86
CA ASP A 62 -3.49 4.95 -32.71
C ASP A 62 -3.38 3.47 -32.28
N ALA A 63 -4.03 3.09 -31.19
CA ALA A 63 -3.74 1.79 -30.52
C ALA A 63 -4.32 0.53 -31.21
N PHE A 64 -5.52 0.61 -31.78
CA PHE A 64 -6.15 -0.53 -32.44
C PHE A 64 -6.56 -0.22 -33.87
N ALA A 65 -7.00 -1.25 -34.59
CA ALA A 65 -7.58 -1.05 -35.90
C ALA A 65 -8.63 -2.10 -36.17
N VAL A 66 -9.39 -1.87 -37.24
CA VAL A 66 -10.43 -2.80 -37.65
C VAL A 66 -10.24 -3.05 -39.13
N ASN A 67 -10.45 -4.30 -39.56
CA ASN A 67 -10.51 -4.56 -40.97
C ASN A 67 -11.84 -4.02 -41.47
N ILE A 68 -11.77 -3.00 -42.31
CA ILE A 68 -12.93 -2.38 -42.96
C ILE A 68 -13.97 -3.41 -43.48
N ASN A 69 -13.50 -4.52 -44.06
CA ASN A 69 -14.34 -5.52 -44.74
C ASN A 69 -14.92 -6.55 -43.78
N THR A 70 -14.05 -7.14 -42.97
CA THR A 70 -14.43 -8.26 -42.10
C THR A 70 -14.85 -7.85 -40.70
N GLY A 71 -14.38 -6.71 -40.21
CA GLY A 71 -14.67 -6.27 -38.85
C GLY A 71 -13.92 -7.07 -37.78
N SER A 72 -12.77 -7.60 -38.15
CA SER A 72 -11.85 -8.22 -37.20
C SER A 72 -11.03 -7.09 -36.56
N VAL A 73 -11.06 -6.99 -35.24
CA VAL A 73 -10.35 -5.94 -34.51
C VAL A 73 -9.08 -6.48 -33.89
N MET A 74 -7.97 -5.81 -34.21
CA MET A 74 -6.61 -6.24 -33.88
C MET A 74 -5.82 -5.09 -33.29
N VAL A 75 -4.66 -5.38 -32.72
CA VAL A 75 -3.78 -4.35 -32.17
C VAL A 75 -3.09 -3.65 -33.32
N LYS A 76 -2.84 -2.34 -33.17
CA LYS A 76 -2.05 -1.60 -34.16
C LYS A 76 -0.72 -1.08 -33.63
N SER A 77 -0.65 -0.74 -32.34
CA SER A 77 0.62 -0.31 -31.72
C SER A 77 0.83 -0.96 -30.33
N PRO A 78 2.08 -1.27 -29.98
CA PRO A 78 2.31 -2.08 -28.79
C PRO A 78 1.73 -1.42 -27.58
N MET A 79 1.30 -2.22 -26.61
CA MET A 79 0.66 -1.71 -25.42
C MET A 79 1.59 -1.73 -24.23
N ASN A 80 1.09 -1.26 -23.09
CA ASN A 80 1.79 -1.35 -21.83
C ASN A 80 0.82 -0.99 -20.73
N ARG A 81 0.46 -2.00 -19.94
CA ARG A 81 -0.49 -1.85 -18.83
C ARG A 81 -0.06 -0.75 -17.85
N GLU A 82 1.24 -0.63 -17.67
CA GLU A 82 1.81 0.38 -16.78
C GLU A 82 1.55 1.79 -17.28
N LEU A 83 1.17 1.94 -18.55
CA LEU A 83 0.67 3.21 -19.11
C LEU A 83 -0.85 3.20 -19.22
N VAL A 84 -1.38 2.21 -19.94
CA VAL A 84 -2.84 2.07 -20.08
C VAL A 84 -3.30 0.66 -19.72
N ALA A 85 -4.15 0.60 -18.70
CA ALA A 85 -4.69 -0.66 -18.19
C ALA A 85 -6.09 -1.01 -18.75
N THR A 86 -6.75 -0.08 -19.44
CA THR A 86 -8.03 -0.42 -20.08
C THR A 86 -8.48 0.56 -21.18
N TYR A 87 -8.99 0.03 -22.30
CA TYR A 87 -9.52 0.86 -23.38
C TYR A 87 -11.01 0.63 -23.55
N GLU A 88 -11.69 1.69 -23.99
CA GLU A 88 -13.07 1.60 -24.48
C GLU A 88 -13.00 2.02 -25.93
N VAL A 89 -13.30 1.08 -26.83
CA VAL A 89 -13.11 1.28 -28.26
C VAL A 89 -14.48 1.33 -28.94
N THR A 90 -14.77 2.45 -29.62
CA THR A 90 -16.08 2.67 -30.26
C THR A 90 -16.01 2.29 -31.76
N LEU A 91 -16.94 1.45 -32.23
CA LEU A 91 -17.05 1.07 -33.67
C LEU A 91 -18.42 1.37 -34.32
N SER A 92 -18.39 1.68 -35.61
CA SER A 92 -19.61 1.75 -36.43
C SER A 92 -19.50 0.83 -37.62
N VAL A 93 -20.66 0.39 -38.11
CA VAL A 93 -20.75 -0.24 -39.43
C VAL A 93 -21.67 0.55 -40.37
N ILE A 94 -21.24 0.64 -41.63
CA ILE A 94 -21.89 1.43 -42.67
C ILE A 94 -22.36 0.49 -43.77
N ASP A 95 -23.68 0.46 -43.97
CA ASP A 95 -24.28 -0.20 -45.13
C ASP A 95 -24.25 0.75 -46.30
N ASN A 96 -23.78 0.28 -47.46
CA ASN A 96 -23.72 1.12 -48.65
C ASN A 96 -25.03 1.10 -49.46
N ALA A 97 -25.85 2.14 -49.23
CA ALA A 97 -27.05 2.49 -50.03
C ALA A 97 -28.35 1.70 -49.71
N SER A 98 -28.46 1.20 -48.47
CA SER A 98 -29.56 0.28 -48.07
C SER A 98 -30.37 0.75 -46.84
N ASP A 99 -29.75 0.62 -45.65
CA ASP A 99 -30.40 0.86 -44.34
C ASP A 99 -29.99 2.25 -43.83
N LEU A 100 -30.97 3.01 -43.31
CA LEU A 100 -30.85 4.47 -43.11
C LEU A 100 -30.50 5.19 -44.44
N PRO A 101 -31.43 5.16 -45.42
CA PRO A 101 -31.11 5.26 -46.86
C PRO A 101 -30.19 6.41 -47.24
N GLU A 102 -30.42 7.59 -46.64
CA GLU A 102 -29.60 8.78 -46.88
C GLU A 102 -28.84 9.20 -45.60
N SER A 104 -27.16 6.71 -43.21
CA SER A 104 -26.39 5.60 -43.75
C SER A 104 -25.45 4.99 -42.71
N VAL A 105 -26.01 4.56 -41.59
CA VAL A 105 -25.23 3.99 -40.47
C VAL A 105 -26.11 3.04 -39.66
N SER A 106 -25.52 1.95 -39.13
CA SER A 106 -26.16 1.20 -38.02
C SER A 106 -25.63 1.71 -36.67
N VAL A 107 -26.42 2.59 -36.04
CA VAL A 107 -26.23 3.04 -34.65
C VAL A 107 -27.40 2.40 -33.89
N PRO A 108 -27.19 1.56 -32.86
CA PRO A 108 -26.13 1.64 -31.87
C PRO A 108 -24.76 1.26 -32.36
N ASN A 109 -23.80 2.08 -31.98
CA ASN A 109 -22.41 1.77 -32.20
C ASN A 109 -21.94 0.71 -31.23
N ALA A 110 -20.89 0.00 -31.61
CA ALA A 110 -20.29 -0.99 -30.74
C ALA A 110 -19.37 -0.29 -29.75
N LYS A 111 -19.48 -0.64 -28.47
CA LYS A 111 -18.43 -0.32 -27.50
C LYS A 111 -17.70 -1.59 -27.08
N LEU A 112 -16.54 -1.81 -27.69
CA LEU A 112 -15.63 -2.88 -27.27
C LEU A 112 -14.79 -2.43 -26.09
N THR A 113 -15.10 -2.97 -24.92
CA THR A 113 -14.29 -2.83 -23.72
C THR A 113 -13.10 -3.77 -23.80
N VAL A 114 -11.92 -3.21 -23.58
CA VAL A 114 -10.68 -3.95 -23.76
C VAL A 114 -9.80 -3.79 -22.53
N ASN A 115 -9.81 -4.82 -21.66
CA ASN A 115 -8.95 -4.86 -20.47
C ASN A 115 -7.57 -5.48 -20.79
N VAL A 116 -6.50 -4.79 -20.42
CA VAL A 116 -5.12 -5.25 -20.62
C VAL A 116 -4.63 -6.09 -19.44
N LEU A 117 -4.52 -7.39 -19.63
CA LEU A 117 -3.98 -8.27 -18.60
C LEU A 117 -2.47 -8.15 -18.52
N ASP A 118 -1.96 -8.28 -17.29
CA ASP A 118 -0.59 -7.95 -16.94
C ASP A 118 0.37 -9.07 -17.32
N VAL A 119 1.57 -8.70 -17.74
CA VAL A 119 2.68 -9.63 -17.91
C VAL A 119 3.77 -9.16 -16.96
N ASN A 120 4.39 -10.06 -16.19
CA ASN A 120 5.37 -9.61 -15.17
C ASN A 120 6.68 -9.20 -15.82
N ASP A 121 6.70 -7.99 -16.38
CA ASP A 121 7.83 -7.54 -17.21
C ASP A 121 8.60 -6.36 -16.65
N ASN A 122 8.22 -5.86 -15.49
CA ASN A 122 9.03 -4.86 -14.83
C ASN A 122 9.64 -5.45 -13.55
N THR A 123 10.97 -5.37 -13.48
CA THR A 123 11.76 -5.87 -12.37
C THR A 123 12.07 -4.71 -11.42
N PRO A 124 12.13 -4.97 -10.10
CA PRO A 124 12.18 -3.84 -9.14
C PRO A 124 13.27 -2.81 -9.35
N GLN A 125 12.95 -1.54 -9.07
CA GLN A 125 13.98 -0.48 -9.08
C GLN A 125 14.21 0.08 -7.68
N PHE A 126 15.34 0.74 -7.49
CA PHE A 126 15.70 1.32 -6.20
C PHE A 126 15.61 2.85 -6.22
N LYS A 127 14.71 3.40 -5.42
CA LYS A 127 14.62 4.86 -5.20
C LYS A 127 15.81 5.31 -4.34
N PRO A 128 16.53 6.34 -4.75
CA PRO A 128 16.15 7.20 -5.87
C PRO A 128 16.65 6.61 -7.20
N PHE A 129 15.90 6.88 -8.26
CA PHE A 129 16.12 6.21 -9.55
C PHE A 129 17.49 6.54 -10.13
N GLY A 130 18.23 5.47 -10.46
CA GLY A 130 19.59 5.58 -10.98
C GLY A 130 20.63 5.06 -10.00
N ILE A 131 20.23 4.78 -8.76
CA ILE A 131 21.20 4.46 -7.72
C ILE A 131 21.94 3.15 -8.05
N THR A 132 23.27 3.21 -7.98
CA THR A 132 24.13 2.04 -8.13
C THR A 132 24.38 1.39 -6.77
N TYR A 133 24.59 2.20 -5.73
CA TYR A 133 24.88 1.71 -4.40
C TYR A 133 24.38 2.71 -3.36
N TYR A 134 24.03 2.24 -2.19
CA TYR A 134 23.85 3.11 -1.04
C TYR A 134 25.16 3.08 -0.28
N MET A 135 25.65 4.27 0.02
CA MET A 135 26.59 4.45 1.12
C MET A 135 25.94 5.49 2.00
N GLU A 136 26.03 5.25 3.29
CA GLU A 136 25.79 6.28 4.27
C GLU A 136 26.84 6.06 5.36
N ARG A 137 26.78 6.82 6.43
CA ARG A 137 27.88 6.90 7.37
C ARG A 137 27.24 6.75 8.72
N ILE A 138 27.80 5.88 9.57
CA ILE A 138 27.14 5.52 10.82
C ILE A 138 28.05 5.69 12.01
N LEU A 139 27.49 6.21 13.10
CA LEU A 139 28.26 6.49 14.30
C LEU A 139 28.01 5.40 15.32
N GLU A 140 29.10 4.84 15.86
CA GLU A 140 29.02 3.62 16.66
C GLU A 140 28.29 3.84 17.99
N GLY A 141 27.95 2.73 18.64
CA GLY A 141 27.07 2.73 19.80
C GLY A 141 25.59 2.87 19.46
N ALA A 142 25.24 2.79 18.18
CA ALA A 142 23.84 2.81 17.78
C ALA A 142 23.16 1.61 18.42
N THR A 143 22.07 1.87 19.15
CA THR A 143 21.42 0.84 19.95
C THR A 143 20.78 -0.23 19.08
N PRO A 144 20.80 -1.50 19.54
CA PRO A 144 20.11 -2.52 18.76
C PRO A 144 18.64 -2.14 18.58
N GLY A 145 18.12 -2.46 17.40
CA GLY A 145 16.83 -1.97 16.97
C GLY A 145 16.82 -0.50 16.54
N THR A 146 18.01 0.10 16.36
CA THR A 146 18.10 1.43 15.73
C THR A 146 17.98 1.24 14.25
N THR A 147 17.13 2.00 13.59
CA THR A 147 17.09 2.03 12.15
C THR A 147 18.44 2.53 11.67
N LEU A 148 19.21 1.66 11.02
CA LEU A 148 20.54 2.06 10.55
C LEU A 148 20.47 2.78 9.21
N ILE A 149 19.62 2.30 8.32
CA ILE A 149 19.43 2.90 7.01
C ILE A 149 18.20 2.26 6.40
N ALA A 150 17.47 3.06 5.65
CA ALA A 150 16.29 2.56 5.00
C ALA A 150 16.47 2.70 3.51
N VAL A 151 16.55 1.57 2.80
CA VAL A 151 16.41 1.58 1.35
C VAL A 151 14.98 1.24 1.01
N ALA A 152 14.64 1.42 -0.26
CA ALA A 152 13.35 0.97 -0.79
C ALA A 152 13.38 0.83 -2.31
N ALA A 153 12.32 0.25 -2.85
CA ALA A 153 12.30 -0.12 -4.24
C ALA A 153 10.88 -0.17 -4.75
N VAL A 154 10.71 -0.28 -6.07
CA VAL A 154 9.38 -0.16 -6.69
C VAL A 154 9.23 -1.07 -7.90
N ASP A 155 8.02 -1.62 -8.03
CA ASP A 155 7.64 -2.53 -9.12
C ASP A 155 6.33 -1.96 -9.65
N PRO A 156 6.27 -1.72 -10.96
CA PRO A 156 5.07 -1.27 -11.66
C PRO A 156 3.88 -2.24 -11.76
N ASP A 157 4.10 -3.54 -11.64
CA ASP A 157 3.14 -4.58 -12.14
C ASP A 157 1.98 -4.87 -11.16
N LYS A 158 0.88 -5.43 -11.66
CA LYS A 158 -0.36 -5.52 -10.87
C LYS A 158 -0.34 -6.66 -9.85
N GLY A 159 -0.84 -6.35 -8.65
CA GLY A 159 -1.03 -7.33 -7.57
C GLY A 159 0.23 -8.08 -7.22
N LEU A 160 0.22 -9.38 -7.47
CA LEU A 160 1.38 -10.21 -7.18
C LEU A 160 2.59 -9.68 -7.95
N ASN A 161 2.46 -9.54 -9.25
CA ASN A 161 3.63 -9.35 -10.10
C ASN A 161 4.51 -8.21 -9.65
N GLY A 162 3.97 -7.29 -8.85
CA GLY A 162 4.75 -6.18 -8.33
C GLY A 162 4.56 -5.88 -6.85
N LEU A 163 4.24 -6.93 -6.11
CA LEU A 163 4.41 -6.92 -4.69
C LEU A 163 5.90 -7.17 -4.43
N VAL A 164 6.56 -6.18 -3.83
CA VAL A 164 8.01 -6.20 -3.61
C VAL A 164 8.33 -6.86 -2.27
N THR A 165 9.31 -7.77 -2.23
CA THR A 165 9.81 -8.33 -0.95
C THR A 165 11.33 -8.33 -0.88
N TYR A 166 11.85 -7.98 0.30
CA TYR A 166 13.24 -7.55 0.47
C TYR A 166 14.02 -8.60 1.24
N THR A 167 15.15 -9.00 0.68
CA THR A 167 16.04 -9.99 1.26
C THR A 167 17.41 -9.35 1.47
N LEU A 168 18.18 -9.87 2.43
CA LEU A 168 19.51 -9.34 2.75
C LEU A 168 20.62 -10.41 2.67
N LEU A 169 21.66 -10.15 1.89
CA LEU A 169 22.65 -11.16 1.54
C LEU A 169 24.07 -10.69 1.81
N ASP A 170 25.05 -11.52 1.48
CA ASP A 170 26.47 -11.14 1.55
C ASP A 170 26.89 -10.49 2.89
N LEU A 171 26.28 -10.97 3.96
CA LEU A 171 26.30 -10.27 5.25
C LEU A 171 27.59 -10.49 6.03
N VAL A 172 28.35 -9.41 6.15
CA VAL A 172 29.79 -9.45 6.39
C VAL A 172 30.11 -10.19 7.72
N PRO A 173 29.62 -9.67 8.88
CA PRO A 173 29.42 -10.57 10.00
C PRO A 173 27.97 -10.94 9.99
N PRO A 174 27.66 -12.24 9.95
CA PRO A 174 26.25 -12.59 10.03
C PRO A 174 25.62 -12.12 11.34
N GLY A 175 24.31 -11.91 11.30
CA GLY A 175 23.54 -11.60 12.49
C GLY A 175 23.69 -10.21 13.05
N TYR A 176 24.47 -9.34 12.40
CA TYR A 176 24.75 -7.99 12.93
C TYR A 176 23.55 -7.11 12.68
N VAL A 177 23.16 -7.01 11.40
CA VAL A 177 21.97 -6.28 11.02
C VAL A 177 20.96 -7.24 10.46
N GLN A 178 19.72 -6.77 10.34
CA GLN A 178 18.69 -7.55 9.67
C GLN A 178 17.64 -6.58 9.16
N LEU A 179 16.89 -7.00 8.16
CA LEU A 179 15.66 -6.28 7.82
C LEU A 179 14.69 -6.54 8.97
N GLU A 180 14.09 -5.49 9.52
CA GLU A 180 13.13 -5.61 10.62
C GLU A 180 11.95 -6.46 10.18
N ASP A 181 11.57 -6.30 8.92
CA ASP A 181 10.33 -6.78 8.37
C ASP A 181 10.62 -7.08 6.92
N SER A 182 10.34 -8.30 6.47
CA SER A 182 10.78 -8.70 5.13
C SER A 182 10.02 -8.03 3.99
N SER A 183 9.20 -7.04 4.28
CA SER A 183 8.49 -6.28 3.23
C SER A 183 8.78 -4.77 3.31
N ALA A 184 9.98 -4.42 3.75
CA ALA A 184 10.40 -3.03 3.77
C ALA A 184 11.91 -3.02 3.90
N GLY A 185 12.58 -2.18 3.12
CA GLY A 185 14.04 -2.12 3.14
C GLY A 185 14.63 -1.35 4.31
N LYS A 186 14.00 -1.44 5.48
CA LYS A 186 14.54 -0.82 6.69
C LYS A 186 15.53 -1.78 7.30
N VAL A 187 16.81 -1.40 7.31
CA VAL A 187 17.83 -2.23 7.94
C VAL A 187 18.00 -1.80 9.39
N ILE A 188 17.67 -2.68 10.33
CA ILE A 188 17.98 -2.42 11.74
C ILE A 188 19.17 -3.23 12.15
N ALA A 189 19.78 -2.81 13.26
CA ALA A 189 20.91 -3.50 13.83
C ALA A 189 20.41 -4.31 14.99
N ASN A 190 20.76 -5.58 15.07
CA ASN A 190 20.38 -6.30 16.32
C ASN A 190 21.62 -6.73 17.11
N ARG A 191 22.66 -5.92 16.96
CA ARG A 191 23.83 -5.96 17.82
C ARG A 191 24.36 -4.55 17.92
N THR A 192 24.76 -4.12 19.11
CA THR A 192 25.17 -2.73 19.26
C THR A 192 26.40 -2.49 18.38
N VAL A 193 26.40 -1.35 17.70
CA VAL A 193 27.34 -1.09 16.63
C VAL A 193 28.70 -0.76 17.22
N ASP A 194 29.75 -1.43 16.76
CA ASP A 194 31.08 -1.22 17.32
C ASP A 194 32.17 -1.15 16.25
N TYR A 195 32.88 -0.01 16.20
CA TYR A 195 34.10 0.18 15.37
C TYR A 195 35.24 -0.78 15.79
N GLU A 196 35.29 -1.11 17.07
CA GLU A 196 36.29 -2.04 17.61
C GLU A 196 35.95 -3.53 17.35
N GLU A 197 34.85 -3.76 16.65
CA GLU A 197 34.61 -5.02 15.93
C GLU A 197 34.66 -4.81 14.40
N VAL A 198 33.82 -3.90 13.91
CA VAL A 198 33.58 -3.70 12.47
C VAL A 198 33.87 -2.28 12.01
N HIS A 199 34.79 -2.13 11.05
CA HIS A 199 35.00 -0.83 10.37
C HIS A 199 33.97 -0.65 9.24
N TRP A 200 33.48 -1.74 8.68
CA TRP A 200 32.50 -1.67 7.58
C TRP A 200 31.41 -2.75 7.67
N LEU A 201 30.16 -2.32 7.78
CA LEU A 201 29.03 -3.20 7.61
C LEU A 201 28.58 -3.07 6.17
N ASN A 202 29.18 -3.91 5.34
CA ASN A 202 28.86 -4.02 3.92
C ASN A 202 28.00 -5.25 3.66
N PHE A 203 26.81 -5.02 3.11
CA PHE A 203 25.90 -6.11 2.79
C PHE A 203 25.23 -5.81 1.45
N THR A 204 24.30 -6.65 1.02
CA THR A 204 23.70 -6.54 -0.30
C THR A 204 22.20 -6.75 -0.15
N VAL A 205 21.41 -5.74 -0.56
CA VAL A 205 19.94 -5.82 -0.41
C VAL A 205 19.31 -6.19 -1.74
N ARG A 206 18.30 -7.06 -1.65
CA ARG A 206 17.76 -7.76 -2.78
C ARG A 206 16.25 -7.65 -2.76
N ALA A 207 15.69 -6.80 -3.61
CA ALA A 207 14.24 -6.66 -3.68
C ALA A 207 13.73 -7.59 -4.76
N SER A 208 12.59 -8.22 -4.56
CA SER A 208 12.07 -9.14 -5.56
C SER A 208 10.58 -9.15 -5.64
N ASP A 209 10.05 -9.27 -6.86
CA ASP A 209 8.58 -9.33 -6.98
C ASP A 209 8.10 -10.70 -6.61
N ASN A 210 6.80 -10.83 -6.43
CA ASN A 210 6.21 -12.13 -6.16
C ASN A 210 5.56 -12.63 -7.44
N GLY A 211 6.37 -12.69 -8.50
CA GLY A 211 5.94 -13.01 -9.85
C GLY A 211 6.12 -14.50 -10.11
N SER A 212 5.39 -14.98 -11.11
CA SER A 212 5.24 -16.41 -11.37
C SER A 212 6.63 -17.07 -11.58
N PRO A 213 7.37 -16.70 -12.65
CA PRO A 213 8.83 -16.63 -12.49
C PRO A 213 9.25 -15.28 -11.91
N PRO A 214 9.86 -15.27 -10.70
CA PRO A 214 10.09 -14.03 -10.00
C PRO A 214 11.30 -13.27 -10.54
N ARG A 215 11.09 -11.99 -10.86
CA ARG A 215 12.15 -11.03 -11.17
C ARG A 215 12.57 -10.27 -9.90
N ALA A 216 13.85 -9.96 -9.81
CA ALA A 216 14.39 -9.30 -8.63
C ALA A 216 15.57 -8.39 -8.98
N ALA A 217 16.10 -7.71 -7.97
CA ALA A 217 17.30 -6.93 -8.15
C ALA A 217 18.08 -6.87 -6.85
N GLU A 218 19.40 -6.89 -6.98
CA GLU A 218 20.32 -6.87 -5.85
C GLU A 218 21.17 -5.63 -6.00
N ILE A 219 21.37 -4.92 -4.90
CA ILE A 219 22.24 -3.73 -4.89
C ILE A 219 22.98 -3.62 -3.54
N PRO A 220 24.28 -3.23 -3.60
CA PRO A 220 25.10 -3.24 -2.38
C PRO A 220 24.75 -2.11 -1.47
N VAL A 221 25.05 -2.26 -0.17
CA VAL A 221 24.82 -1.20 0.81
C VAL A 221 26.05 -1.08 1.72
N TYR A 222 26.88 -0.07 1.47
CA TYR A 222 28.10 0.14 2.25
C TYR A 222 27.84 1.09 3.38
N LEU A 223 28.17 0.67 4.59
CA LEU A 223 27.98 1.53 5.76
C LEU A 223 29.30 1.76 6.45
N GLU A 224 29.81 2.98 6.31
CA GLU A 224 31.08 3.38 6.88
C GLU A 224 30.89 3.63 8.38
N ILE A 225 31.73 2.99 9.20
CA ILE A 225 31.59 3.08 10.65
C ILE A 225 32.56 4.10 11.22
N VAL A 226 32.01 5.09 11.92
CA VAL A 226 32.77 6.22 12.47
C VAL A 226 33.15 5.98 13.95
N ASP A 227 34.40 6.23 14.27
CA ASP A 227 34.93 6.06 15.61
C ASP A 227 34.41 7.14 16.55
N ILE A 228 34.06 6.79 17.79
CA ILE A 228 33.96 7.81 18.87
C ILE A 228 34.80 7.45 20.07
N ASN A 229 35.17 8.45 20.88
CA ASN A 229 35.93 8.20 22.10
C ASN A 229 35.03 7.53 23.14
N ASP A 230 34.89 6.21 23.00
CA ASP A 230 34.06 5.38 23.89
C ASP A 230 34.88 4.29 24.62
N ASN A 231 36.20 4.41 24.54
CA ASN A 231 37.11 3.54 25.26
C ASN A 231 38.07 4.39 26.04
N ASN A 232 38.16 4.12 27.35
CA ASN A 232 39.21 4.68 28.21
C ASN A 232 40.59 4.19 27.74
N PRO A 233 41.65 4.90 28.14
CA PRO A 233 42.95 4.27 28.14
C PRO A 233 43.00 3.32 29.33
N ILE A 234 43.45 2.08 29.09
CA ILE A 234 43.59 1.11 30.17
C ILE A 234 45.07 0.87 30.42
N PHE A 235 45.46 0.91 31.70
CA PHE A 235 46.85 0.73 32.10
C PHE A 235 47.25 -0.73 32.04
N ASP A 236 48.53 -1.00 31.77
CA ASP A 236 49.02 -2.39 31.70
C ASP A 236 48.87 -3.15 33.03
N GLN A 237 49.66 -2.79 34.04
CA GLN A 237 49.52 -3.37 35.38
C GLN A 237 48.48 -2.55 36.19
N PRO A 238 47.72 -3.21 37.10
CA PRO A 238 46.85 -2.47 38.03
C PRO A 238 47.59 -1.48 38.96
N SER A 239 48.83 -1.82 39.31
CA SER A 239 49.76 -0.89 40.02
C SER A 239 51.19 -1.27 39.59
N TYR A 240 52.09 -0.29 39.45
CA TYR A 240 53.31 -0.52 38.61
C TYR A 240 54.66 -0.64 39.39
N GLN A 241 54.57 -0.69 40.71
CA GLN A 241 55.65 -0.26 41.64
C GLN A 241 57.11 -0.28 41.11
N GLU A 246 69.40 5.62 47.94
CA GLU A 246 69.42 6.83 48.77
C GLU A 246 69.30 8.10 47.91
N ASP A 247 69.99 8.11 46.76
CA ASP A 247 69.75 9.06 45.66
C ASP A 247 70.57 8.67 44.41
N VAL A 248 69.88 8.38 43.29
CA VAL A 248 70.55 8.02 42.01
C VAL A 248 70.89 9.29 41.17
N PRO A 249 71.51 9.11 39.97
CA PRO A 249 71.69 10.26 39.07
C PRO A 249 70.38 10.92 38.59
N VAL A 250 70.46 12.20 38.25
CA VAL A 250 69.29 13.11 38.25
C VAL A 250 68.36 12.86 37.06
N GLY A 251 68.94 12.64 35.89
CA GLY A 251 68.15 12.36 34.68
C GLY A 251 67.67 10.92 34.58
N THR A 252 68.45 9.98 35.12
CA THR A 252 68.33 8.56 34.70
C THR A 252 66.91 8.05 34.92
N ILE A 253 66.42 7.28 33.95
CA ILE A 253 65.00 6.92 33.89
C ILE A 253 64.72 5.75 34.85
N ILE A 254 63.67 5.90 35.67
CA ILE A 254 63.38 4.92 36.74
C ILE A 254 62.51 3.78 36.22
N LEU A 255 61.40 4.12 35.56
CA LEU A 255 60.52 3.11 34.92
C LEU A 255 59.55 3.73 33.91
N THR A 256 59.28 3.00 32.84
CA THR A 256 58.22 3.34 31.89
C THR A 256 56.88 2.79 32.41
N VAL A 257 55.79 3.49 32.09
CA VAL A 257 54.44 2.90 32.18
C VAL A 257 53.83 2.86 30.78
N THR A 258 52.73 2.10 30.66
CA THR A 258 52.03 1.98 29.38
C THR A 258 50.53 1.71 29.59
N ALA A 259 49.73 2.39 28.79
CA ALA A 259 48.29 2.14 28.68
C ALA A 259 47.90 2.01 27.20
N THR A 260 46.77 1.36 26.92
CA THR A 260 46.24 1.33 25.54
C THR A 260 44.78 1.69 25.48
N ASP A 261 44.42 2.24 24.33
CA ASP A 261 43.11 2.81 24.11
C ASP A 261 42.58 2.22 22.82
N ALA A 262 41.50 1.44 22.95
CA ALA A 262 41.07 0.57 21.86
C ALA A 262 40.44 1.29 20.66
N ASP A 263 40.34 2.64 20.73
CA ASP A 263 39.91 3.45 19.59
C ASP A 263 41.12 3.80 18.72
N SER A 264 40.91 4.66 17.72
CA SER A 264 41.92 4.92 16.70
C SER A 264 42.36 6.41 16.53
N GLY A 265 41.48 7.22 15.94
CA GLY A 265 41.91 8.46 15.28
C GLY A 265 42.21 9.63 16.20
N ASN A 266 43.39 9.57 16.83
CA ASN A 266 43.82 10.49 17.90
C ASN A 266 43.08 10.23 19.22
N PHE A 267 42.06 9.37 19.17
CA PHE A 267 41.39 8.90 20.36
C PHE A 267 42.19 7.77 21.02
N ALA A 268 43.34 7.42 20.42
CA ALA A 268 44.31 6.53 21.02
C ALA A 268 45.51 7.24 21.63
N LEU A 269 45.80 8.46 21.17
CA LEU A 269 46.99 9.18 21.64
C LEU A 269 46.83 9.47 23.13
N ILE A 270 47.70 8.87 23.93
CA ILE A 270 47.67 9.00 25.39
C ILE A 270 48.67 10.05 25.87
N GLU A 271 48.24 10.87 26.81
CA GLU A 271 49.08 11.87 27.44
C GLU A 271 49.34 11.43 28.88
N TYR A 272 50.52 10.88 29.12
CA TYR A 272 50.86 10.35 30.44
C TYR A 272 51.29 11.49 31.37
N SER A 273 50.75 11.48 32.59
CA SER A 273 50.94 12.56 33.55
C SER A 273 50.99 12.03 34.99
N LEU A 274 51.52 12.81 35.93
CA LEU A 274 51.64 12.44 37.37
C LEU A 274 51.35 13.62 38.30
N GLY A 275 50.91 13.31 39.52
CA GLY A 275 50.71 14.32 40.57
C GLY A 275 51.98 15.04 41.00
N ASP A 276 52.96 14.27 41.48
CA ASP A 276 54.20 14.83 42.03
C ASP A 276 55.47 14.33 41.30
N GLY A 277 56.64 14.54 41.91
CA GLY A 277 57.87 13.93 41.45
C GLY A 277 58.90 13.92 42.55
N ALA A 282 59.60 12.94 37.91
CA ALA A 282 58.74 13.71 37.00
C ALA A 282 58.52 12.92 35.68
N ILE A 283 57.61 13.40 34.81
CA ILE A 283 56.91 12.59 33.79
C ILE A 283 57.38 12.82 32.33
N ASN A 284 56.86 12.04 31.39
CA ASN A 284 56.93 12.37 29.96
C ASN A 284 55.61 11.98 29.31
N PRO A 285 54.84 12.98 28.81
CA PRO A 285 53.57 12.69 28.12
C PRO A 285 53.66 11.73 26.92
N THR A 286 54.80 11.72 26.22
CA THR A 286 54.97 10.88 25.05
C THR A 286 55.19 9.40 25.44
N THR A 287 56.39 9.11 25.95
CA THR A 287 56.84 7.74 26.15
C THR A 287 56.17 7.06 27.34
N GLY A 288 55.82 7.85 28.34
CA GLY A 288 55.40 7.32 29.64
C GLY A 288 56.58 7.13 30.61
N ASP A 289 57.74 7.70 30.26
CA ASP A 289 58.95 7.55 31.08
C ASP A 289 58.94 8.45 32.32
N ILE A 290 59.71 8.04 33.33
CA ILE A 290 59.82 8.74 34.60
C ILE A 290 61.30 9.08 34.92
N TYR A 291 61.53 10.37 35.24
CA TYR A 291 62.84 10.89 35.69
C TYR A 291 62.76 11.33 37.18
N VAL A 292 63.82 11.98 37.66
CA VAL A 292 63.88 12.47 39.03
C VAL A 292 64.14 13.99 39.10
N LEU A 293 63.61 14.64 40.14
CA LEU A 293 63.74 16.10 40.30
C LEU A 293 65.17 16.51 40.65
N ALA A 308 49.83 7.90 38.91
CA ALA A 308 50.09 8.21 37.51
C ALA A 308 48.84 8.04 36.66
N LEU A 309 48.72 8.85 35.61
CA LEU A 309 47.48 8.99 34.81
C LEU A 309 47.71 8.79 33.31
N ALA A 310 46.66 8.37 32.59
CA ALA A 310 46.67 8.27 31.13
C ALA A 310 45.42 8.92 30.56
N LYS A 311 45.58 9.85 29.61
CA LYS A 311 44.45 10.62 29.03
C LYS A 311 44.48 10.69 27.50
N ASP A 312 43.38 10.26 26.89
CA ASP A 312 43.30 10.16 25.44
C ASP A 312 42.95 11.49 24.82
N ASN A 313 42.98 11.53 23.50
CA ASN A 313 42.40 12.64 22.72
C ASN A 313 42.78 14.01 23.27
N PRO A 314 44.08 14.34 23.25
CA PRO A 314 44.48 15.71 23.55
C PRO A 314 44.22 16.58 22.33
N GLY A 315 44.14 17.90 22.52
CA GLY A 315 43.71 18.80 21.45
C GLY A 315 42.21 18.75 21.18
N ASP A 316 41.44 18.29 22.17
CA ASP A 316 39.97 18.25 22.09
C ASP A 316 39.42 18.40 23.51
N VAL A 317 38.23 18.94 23.63
CA VAL A 317 37.73 19.42 24.94
C VAL A 317 37.54 18.29 25.96
N ALA A 318 37.75 18.62 27.23
CA ALA A 318 37.71 17.65 28.33
C ALA A 318 36.52 16.72 28.25
N SER A 319 35.35 17.29 27.99
CA SER A 319 34.13 16.50 27.97
C SER A 319 34.13 15.40 26.91
N ASN A 320 35.02 15.45 25.90
CA ASN A 320 35.27 14.30 25.00
C ASN A 320 36.62 13.57 25.30
N ARG A 321 36.94 13.38 26.58
CA ARG A 321 38.14 12.63 26.95
C ARG A 321 37.86 11.59 28.03
N ARG A 322 38.78 10.65 28.19
CA ARG A 322 38.63 9.52 29.11
C ARG A 322 40.01 9.15 29.61
N GLU A 323 40.05 8.42 30.72
CA GLU A 323 41.29 8.23 31.48
C GLU A 323 41.22 7.05 32.46
N ASN A 324 42.37 6.45 32.75
CA ASN A 324 42.55 5.60 33.94
C ASN A 324 43.76 6.06 34.72
N SER A 325 43.79 5.65 35.99
CA SER A 325 44.82 6.06 36.94
C SER A 325 45.45 4.82 37.58
N VAL A 326 46.78 4.72 37.46
CA VAL A 326 47.55 3.66 38.10
C VAL A 326 48.34 4.23 39.28
N GLN A 327 48.73 3.38 40.22
CA GLN A 327 49.62 3.78 41.33
C GLN A 327 51.05 3.26 41.08
N VAL A 328 52.01 4.02 41.59
CA VAL A 328 53.44 3.70 41.43
C VAL A 328 54.25 4.16 42.66
N VAL A 329 55.15 3.27 43.13
CA VAL A 329 56.14 3.60 44.16
C VAL A 329 57.55 3.48 43.57
N SER B 3 35.28 11.48 46.29
CA SER B 3 34.37 12.49 45.65
C SER B 3 34.13 12.18 44.17
N ARG B 4 33.31 11.15 43.92
CA ARG B 4 32.99 10.72 42.55
C ARG B 4 31.69 9.86 42.48
N PRO B 5 30.56 10.48 42.09
CA PRO B 5 29.29 9.73 41.91
C PRO B 5 29.12 9.13 40.51
N GLU B 6 29.96 8.17 40.13
CA GLU B 6 30.00 7.72 38.73
C GLU B 6 29.12 6.51 38.37
N PHE B 7 28.49 6.61 37.20
CA PHE B 7 27.49 5.61 36.73
C PHE B 7 28.08 4.27 36.33
N LEU B 8 27.18 3.31 36.14
CA LEU B 8 27.56 1.95 35.83
C LEU B 8 27.55 1.75 34.32
N ASN B 9 26.36 1.76 33.72
CA ASN B 9 26.18 1.57 32.26
C ASN B 9 25.53 2.83 31.66
N PRO B 10 26.34 3.88 31.44
CA PRO B 10 25.81 5.20 31.08
C PRO B 10 24.93 5.25 29.82
N ILE B 11 25.23 4.43 28.82
CA ILE B 11 24.34 4.30 27.65
C ILE B 11 23.80 2.85 27.51
N GLN B 12 22.61 2.62 28.06
CA GLN B 12 21.94 1.31 27.98
C GLN B 12 20.63 1.45 27.20
N THR B 13 19.99 0.33 26.91
CA THR B 13 18.74 0.31 26.12
C THR B 13 17.80 -0.79 26.60
N VAL B 14 16.51 -0.48 26.71
CA VAL B 14 15.53 -1.52 27.08
C VAL B 14 14.20 -1.35 26.36
N SER B 15 13.59 -2.47 25.93
CA SER B 15 12.30 -2.43 25.26
C SER B 15 11.14 -2.75 26.22
N VAL B 16 9.96 -2.22 25.89
CA VAL B 16 8.77 -2.35 26.74
C VAL B 16 7.52 -2.55 25.89
N LEU B 17 6.52 -3.18 26.49
CA LEU B 17 5.22 -3.37 25.84
C LEU B 17 4.39 -2.12 26.08
N GLU B 18 3.77 -1.57 25.05
CA GLU B 18 2.87 -0.43 25.24
C GLU B 18 1.77 -0.74 26.25
N SER B 19 1.38 -2.00 26.32
CA SER B 19 0.38 -2.44 27.27
C SER B 19 0.91 -2.59 28.70
N ALA B 20 2.23 -2.52 28.88
CA ALA B 20 2.82 -2.60 30.23
C ALA B 20 2.20 -1.57 31.17
N GLU B 21 1.71 -2.04 32.31
CA GLU B 21 0.95 -1.18 33.25
C GLU B 21 1.87 -0.17 33.96
N PRO B 22 1.32 0.92 34.50
CA PRO B 22 2.07 1.80 35.38
C PRO B 22 2.73 1.06 36.53
N GLY B 23 3.87 1.57 36.98
CA GLY B 23 4.62 0.95 38.06
C GLY B 23 5.49 -0.21 37.64
N THR B 24 5.32 -0.73 36.43
CA THR B 24 6.11 -1.86 35.97
C THR B 24 7.56 -1.46 35.84
N VAL B 25 8.37 -1.87 36.81
CA VAL B 25 9.79 -1.63 36.76
C VAL B 25 10.33 -2.12 35.43
N ILE B 26 10.75 -1.17 34.59
CA ILE B 26 11.34 -1.48 33.31
C ILE B 26 12.85 -1.58 33.36
N ALA B 27 13.49 -0.88 34.29
CA ALA B 27 14.95 -0.83 34.25
C ALA B 27 15.66 -0.72 35.59
N ASN B 28 16.97 -0.67 35.52
CA ASN B 28 17.82 -0.84 36.68
C ASN B 28 19.11 -0.01 36.51
N ILE B 29 19.16 1.17 37.10
CA ILE B 29 20.36 2.00 36.95
C ILE B 29 20.99 2.24 38.31
N THR B 30 22.32 2.22 38.36
CA THR B 30 23.05 2.39 39.60
C THR B 30 24.30 3.24 39.39
N ALA B 31 24.92 3.63 40.51
CA ALA B 31 26.27 4.19 40.53
C ALA B 31 27.21 3.07 40.89
N ILE B 32 28.52 3.30 40.73
CA ILE B 32 29.49 2.25 41.02
C ILE B 32 29.44 1.76 42.47
N ASP B 33 29.42 2.68 43.45
CA ASP B 33 29.47 2.32 44.90
C ASP B 33 28.07 2.45 45.56
N HIS B 34 27.06 1.92 44.87
CA HIS B 34 25.67 2.15 45.27
C HIS B 34 25.34 1.59 46.64
N ASP B 35 25.76 0.37 46.91
CA ASP B 35 25.51 -0.24 48.21
C ASP B 35 26.33 0.49 49.30
N LEU B 36 27.51 1.00 48.95
CA LEU B 36 28.37 1.69 49.89
C LEU B 36 27.70 3.01 50.31
N ASN B 37 27.15 3.72 49.31
CA ASN B 37 26.38 4.94 49.58
C ASN B 37 24.87 4.69 49.62
N PRO B 38 24.26 4.82 50.80
CA PRO B 38 22.81 4.95 50.84
C PRO B 38 22.34 6.40 50.57
N LYS B 39 23.27 7.36 50.60
CA LYS B 39 22.95 8.79 50.48
C LYS B 39 23.14 9.25 49.04
N LEU B 40 22.58 8.47 48.10
CA LEU B 40 22.57 8.84 46.70
C LEU B 40 21.15 9.19 46.32
N GLU B 41 21.00 10.14 45.39
CA GLU B 41 19.70 10.48 44.83
C GLU B 41 19.72 10.18 43.35
N TYR B 42 18.83 9.32 42.88
CA TYR B 42 18.66 9.12 41.45
C TYR B 42 17.55 10.02 40.96
N HIS B 43 17.78 10.71 39.84
CA HIS B 43 16.78 11.64 39.30
C HIS B 43 16.69 11.52 37.76
N ILE B 44 15.46 11.57 37.25
CA ILE B 44 15.19 11.74 35.80
C ILE B 44 15.20 13.21 35.44
N VAL B 45 16.16 13.63 34.62
CA VAL B 45 16.33 15.06 34.32
C VAL B 45 15.59 15.48 33.05
N GLY B 46 15.49 14.59 32.06
CA GLY B 46 14.63 14.82 30.90
C GLY B 46 14.13 13.56 30.21
N ILE B 47 13.00 13.68 29.51
CA ILE B 47 12.46 12.61 28.66
C ILE B 47 12.22 13.13 27.23
N VAL B 48 12.63 12.33 26.24
CA VAL B 48 12.60 12.72 24.84
C VAL B 48 11.82 11.69 24.03
N ALA B 49 10.58 12.06 23.67
CA ALA B 49 9.62 11.11 23.09
C ALA B 49 9.48 11.26 21.58
N LYS B 50 9.49 10.14 20.85
CA LYS B 50 9.43 10.12 19.39
C LYS B 50 8.56 8.98 18.81
N ASP B 51 8.05 9.23 17.61
CA ASP B 51 7.18 8.32 16.86
C ASP B 51 7.93 7.15 16.24
N ASP B 52 7.17 6.19 15.72
CA ASP B 52 7.68 5.17 14.78
C ASP B 52 8.15 5.79 13.46
N THR B 53 7.65 6.99 13.18
CA THR B 53 8.13 7.89 12.10
C THR B 53 9.34 8.79 12.48
N ASP B 54 9.97 8.53 13.63
CA ASP B 54 11.03 9.38 14.17
C ASP B 54 10.60 10.82 14.49
N ARG B 55 9.34 11.20 14.20
CA ARG B 55 8.82 12.55 14.54
C ARG B 55 8.88 12.76 16.05
N LEU B 56 9.02 14.00 16.51
CA LEU B 56 9.13 14.24 17.96
C LEU B 56 7.78 14.56 18.58
N VAL B 57 7.61 14.20 19.85
CA VAL B 57 6.33 14.31 20.57
C VAL B 57 6.51 15.05 21.90
N PRO B 58 5.92 16.25 22.04
CA PRO B 58 6.18 17.07 23.23
C PRO B 58 5.49 16.58 24.50
N ASN B 59 5.89 17.17 25.62
CA ASN B 59 5.21 17.05 26.92
C ASN B 59 5.11 15.62 27.48
N GLN B 60 6.16 14.84 27.29
CA GLN B 60 6.14 13.45 27.69
C GLN B 60 7.04 13.17 28.90
N GLU B 61 7.43 14.22 29.61
CA GLU B 61 8.23 14.08 30.84
C GLU B 61 7.47 13.43 32.04
N ASP B 62 6.15 13.25 31.89
CA ASP B 62 5.33 12.57 32.90
C ASP B 62 5.26 11.03 32.70
N ALA B 63 5.94 10.50 31.68
CA ALA B 63 5.78 9.08 31.28
C ALA B 63 6.47 8.04 32.20
N PHE B 64 7.65 8.36 32.74
CA PHE B 64 8.38 7.42 33.62
C PHE B 64 8.71 8.03 34.95
N ALA B 65 9.23 7.21 35.86
CA ALA B 65 9.79 7.71 37.10
C ALA B 65 10.95 6.86 37.54
N VAL B 66 11.69 7.37 38.50
CA VAL B 66 12.80 6.65 39.10
C VAL B 66 12.60 6.70 40.60
N ASN B 67 12.89 5.60 41.27
CA ASN B 67 12.92 5.62 42.71
C ASN B 67 14.20 6.34 43.10
N ILE B 68 14.02 7.50 43.74
CA ILE B 68 15.11 8.32 44.25
C ILE B 68 16.22 7.50 44.96
N ASN B 69 15.83 6.49 45.74
CA ASN B 69 16.75 5.72 46.59
C ASN B 69 17.44 4.57 45.85
N THR B 70 16.63 3.77 45.17
CA THR B 70 17.15 2.56 44.53
C THR B 70 17.57 2.73 43.07
N GLY B 71 17.01 3.73 42.37
CA GLY B 71 17.31 3.91 40.94
C GLY B 71 16.67 2.85 40.04
N SER B 72 15.57 2.29 40.51
CA SER B 72 14.72 1.42 39.70
C SER B 72 13.80 2.33 38.89
N VAL B 73 13.86 2.19 37.57
CA VAL B 73 13.05 2.99 36.65
C VAL B 73 11.85 2.21 36.18
N MET B 74 10.67 2.82 36.36
CA MET B 74 9.37 2.20 36.14
C MET B 74 8.47 3.13 35.33
N VAL B 75 7.36 2.61 34.84
CA VAL B 75 6.41 3.43 34.09
C VAL B 75 5.63 4.27 35.08
N LYS B 76 5.25 5.49 34.69
CA LYS B 76 4.38 6.33 35.52
C LYS B 76 3.01 6.60 34.92
N SER B 77 2.91 6.67 33.59
CA SER B 77 1.62 6.83 32.91
C SER B 77 1.52 5.91 31.68
N PRO B 78 0.32 5.38 31.39
CA PRO B 78 0.23 4.35 30.38
C PRO B 78 0.71 4.86 29.05
N MET B 79 1.27 3.98 28.24
CA MET B 79 1.88 4.37 26.98
C MET B 79 0.98 4.02 25.80
N ASN B 80 1.46 4.35 24.60
CA ASN B 80 0.80 3.95 23.37
C ASN B 80 1.75 4.19 22.22
N ARG B 81 2.23 3.10 21.64
CA ARG B 81 3.16 3.12 20.52
C ARG B 81 2.64 3.97 19.35
N GLU B 82 1.33 3.91 19.14
CA GLU B 82 0.68 4.69 18.09
C GLU B 82 0.80 6.18 18.30
N LEU B 83 1.14 6.60 19.53
CA LEU B 83 1.49 7.99 19.85
C LEU B 83 2.99 8.16 19.97
N VAL B 84 3.63 7.39 20.84
CA VAL B 84 5.08 7.44 20.98
C VAL B 84 5.69 6.03 20.88
N ALA B 85 6.57 5.85 19.89
CA ALA B 85 7.23 4.57 19.65
C ALA B 85 8.64 4.47 20.23
N THR B 86 9.21 5.57 20.74
CA THR B 86 10.50 5.47 21.42
C THR B 86 10.84 6.68 22.32
N TYR B 87 11.36 6.42 23.52
CA TYR B 87 11.79 7.50 24.43
C TYR B 87 13.29 7.42 24.64
N GLU B 88 13.89 8.59 24.87
CA GLU B 88 15.26 8.70 25.39
C GLU B 88 15.13 9.38 26.75
N VAL B 89 15.49 8.64 27.81
CA VAL B 89 15.29 9.11 29.17
C VAL B 89 16.64 9.40 29.82
N THR B 90 16.85 10.64 30.27
CA THR B 90 18.12 11.07 30.86
C THR B 90 18.05 11.01 32.38
N LEU B 91 19.02 10.32 33.02
CA LEU B 91 19.10 10.24 34.51
C LEU B 91 20.45 10.69 35.10
N SER B 92 20.40 11.27 36.30
CA SER B 92 21.60 11.67 37.04
C SER B 92 21.54 11.08 38.43
N VAL B 93 22.71 10.91 39.04
CA VAL B 93 22.81 10.52 40.44
C VAL B 93 23.61 11.54 41.26
N ILE B 94 23.12 11.80 42.47
CA ILE B 94 23.65 12.84 43.35
C ILE B 94 24.16 12.19 44.62
N ASP B 95 25.47 12.30 44.84
CA ASP B 95 26.11 11.83 46.07
C ASP B 95 26.02 12.95 47.09
N ASN B 96 25.55 12.62 48.29
CA ASN B 96 25.41 13.63 49.35
C ASN B 96 26.65 13.70 50.23
N GLU B 102 34.45 18.88 46.52
CA GLU B 102 33.10 19.12 46.02
C GLU B 102 32.82 18.34 44.71
N ARG B 103 31.79 17.51 44.72
CA ARG B 103 31.22 16.93 43.52
C ARG B 103 29.79 16.53 43.84
N SER B 104 28.86 16.79 42.93
CA SER B 104 27.46 16.39 43.14
C SER B 104 27.01 15.40 42.07
N VAL B 105 27.02 15.85 40.82
CA VAL B 105 26.42 15.10 39.72
C VAL B 105 27.33 13.93 39.28
N SER B 106 26.71 12.87 38.76
CA SER B 106 27.36 11.94 37.86
C SER B 106 27.92 12.65 36.62
N VAL B 107 29.23 12.51 36.40
CA VAL B 107 29.90 12.97 35.18
C VAL B 107 29.23 12.34 33.95
N PRO B 108 29.11 10.99 33.92
CA PRO B 108 28.25 10.41 32.91
C PRO B 108 26.81 10.28 33.41
N ASN B 109 25.88 10.98 32.78
CA ASN B 109 24.47 10.73 33.02
C ASN B 109 24.09 9.43 32.33
N ALA B 110 23.02 8.81 32.82
CA ALA B 110 22.42 7.70 32.10
C ALA B 110 21.57 8.23 30.96
N LYS B 111 21.73 7.69 29.77
CA LYS B 111 20.74 7.83 28.71
C LYS B 111 20.12 6.46 28.48
N LEU B 112 18.95 6.27 29.10
CA LEU B 112 18.17 5.06 28.94
C LEU B 112 17.30 5.20 27.73
N THR B 113 17.66 4.51 26.65
CA THR B 113 16.81 4.49 25.49
C THR B 113 15.79 3.37 25.67
N VAL B 114 14.54 3.74 25.40
CA VAL B 114 13.39 2.93 25.72
C VAL B 114 12.51 2.78 24.48
N ASN B 115 12.63 1.62 23.82
CA ASN B 115 11.82 1.27 22.66
C ASN B 115 10.50 0.60 23.10
N VAL B 116 9.38 1.11 22.59
CA VAL B 116 8.05 0.57 22.89
C VAL B 116 7.65 -0.52 21.90
N LEU B 117 7.66 -1.77 22.35
CA LEU B 117 7.21 -2.89 21.53
C LEU B 117 5.70 -2.91 21.45
N ASP B 118 5.21 -3.32 20.27
CA ASP B 118 3.81 -3.17 19.90
C ASP B 118 2.97 -4.27 20.52
N VAL B 119 1.74 -3.91 20.89
CA VAL B 119 0.72 -4.87 21.29
C VAL B 119 -0.41 -4.69 20.29
N ASN B 120 -0.94 -5.78 19.74
CA ASN B 120 -1.94 -5.66 18.68
C ASN B 120 -3.29 -5.24 19.22
N ASP B 121 -3.43 -3.93 19.51
CA ASP B 121 -4.58 -3.41 20.25
C ASP B 121 -5.46 -2.46 19.48
N ASN B 122 -5.13 -2.19 18.22
CA ASN B 122 -6.04 -1.45 17.37
C ASN B 122 -6.58 -2.39 16.27
N THR B 123 -7.90 -2.49 16.21
CA THR B 123 -8.63 -3.31 15.26
C THR B 123 -9.04 -2.48 14.06
N PRO B 124 -9.06 -3.05 12.84
CA PRO B 124 -9.27 -2.21 11.65
C PRO B 124 -10.47 -1.28 11.68
N GLN B 125 -10.27 -0.08 11.12
CA GLN B 125 -11.34 0.92 10.95
C GLN B 125 -11.70 1.02 9.49
N PHE B 126 -12.92 1.46 9.18
CA PHE B 126 -13.34 1.65 7.79
C PHE B 126 -13.41 3.14 7.41
N LYS B 127 -12.54 3.57 6.49
CA LYS B 127 -12.60 4.92 5.94
C LYS B 127 -13.83 5.03 5.02
N PRO B 128 -14.65 6.06 5.20
CA PRO B 128 -14.36 7.18 6.09
C PRO B 128 -14.85 6.88 7.51
N PHE B 129 -14.14 7.42 8.50
CA PHE B 129 -14.29 6.99 9.89
C PHE B 129 -15.69 7.24 10.41
N GLY B 130 -16.29 6.18 10.95
CA GLY B 130 -17.64 6.22 11.49
C GLY B 130 -18.64 5.45 10.63
N ILE B 131 -18.21 4.96 9.46
CA ILE B 131 -19.15 4.34 8.53
C ILE B 131 -19.78 3.07 9.13
N THR B 132 -21.11 2.99 9.06
CA THR B 132 -21.88 1.83 9.49
C THR B 132 -22.06 0.84 8.34
N TYR B 133 -22.30 1.36 7.13
CA TYR B 133 -22.50 0.53 5.94
C TYR B 133 -22.06 1.36 4.73
N TYR B 134 -21.63 0.67 3.68
CA TYR B 134 -21.50 1.31 2.38
C TYR B 134 -22.77 1.01 1.63
N MET B 135 -23.35 2.06 1.07
CA MET B 135 -24.38 1.91 0.08
C MET B 135 -23.97 2.74 -1.09
N GLU B 136 -24.21 2.19 -2.27
CA GLU B 136 -23.97 2.88 -3.50
C GLU B 136 -25.06 2.44 -4.47
N ARG B 137 -25.04 3.08 -5.62
CA ARG B 137 -26.00 2.83 -6.64
C ARG B 137 -25.19 2.52 -7.88
N ILE B 138 -25.58 1.44 -8.55
CA ILE B 138 -24.83 0.92 -9.69
C ILE B 138 -25.75 0.74 -10.88
N LEU B 139 -25.24 1.10 -12.06
CA LEU B 139 -26.01 1.02 -13.27
C LEU B 139 -25.63 -0.22 -14.06
N GLU B 140 -26.65 -0.98 -14.47
CA GLU B 140 -26.44 -2.29 -15.06
C GLU B 140 -25.69 -2.22 -16.41
N GLY B 141 -25.21 -3.40 -16.83
CA GLY B 141 -24.31 -3.53 -17.96
C GLY B 141 -22.86 -3.18 -17.64
N ALA B 142 -22.54 -2.95 -16.37
CA ALA B 142 -21.15 -2.68 -15.97
C ALA B 142 -20.31 -3.88 -16.35
N THR B 143 -19.24 -3.65 -17.11
CA THR B 143 -18.47 -4.74 -17.70
C THR B 143 -17.74 -5.55 -16.63
N PRO B 144 -17.61 -6.88 -16.82
CA PRO B 144 -16.83 -7.65 -15.87
C PRO B 144 -15.43 -7.09 -15.77
N GLY B 145 -14.88 -7.10 -14.56
CA GLY B 145 -13.64 -6.41 -14.27
C GLY B 145 -13.77 -4.89 -14.19
N THR B 146 -15.01 -4.37 -14.11
CA THR B 146 -15.24 -2.97 -13.74
C THR B 146 -15.10 -2.87 -12.25
N THR B 147 -14.32 -1.91 -11.77
CA THR B 147 -14.28 -1.66 -10.34
C THR B 147 -15.66 -1.18 -9.94
N LEU B 148 -16.39 -1.96 -9.16
CA LEU B 148 -17.76 -1.61 -8.79
C LEU B 148 -17.83 -0.65 -7.62
N ILE B 149 -16.96 -0.86 -6.64
CA ILE B 149 -16.87 0.00 -5.46
C ILE B 149 -15.60 -0.37 -4.75
N ALA B 150 -14.97 0.63 -4.17
CA ALA B 150 -13.76 0.41 -3.44
C ALA B 150 -14.01 0.85 -2.01
N VAL B 151 -14.00 -0.11 -1.08
CA VAL B 151 -13.89 0.22 0.33
C VAL B 151 -12.44 0.13 0.73
N ALA B 152 -12.16 0.59 1.94
CA ALA B 152 -10.85 0.37 2.55
C ALA B 152 -10.91 0.53 4.05
N ALA B 153 -9.80 0.25 4.71
CA ALA B 153 -9.75 0.26 6.13
C ALA B 153 -8.34 0.56 6.60
N VAL B 154 -8.17 0.76 7.91
CA VAL B 154 -6.88 1.20 8.47
C VAL B 154 -6.60 0.53 9.82
N ASP B 155 -5.33 0.19 10.03
CA ASP B 155 -4.85 -0.41 11.27
C ASP B 155 -3.60 0.38 11.63
N PRO B 156 -3.56 0.92 12.85
CA PRO B 156 -2.41 1.63 13.40
C PRO B 156 -1.13 0.84 13.68
N ASP B 157 -1.22 -0.48 13.86
CA ASP B 157 -0.17 -1.27 14.54
C ASP B 157 1.03 -1.66 13.62
N LYS B 158 2.17 -1.97 14.22
CA LYS B 158 3.41 -2.11 13.44
C LYS B 158 3.52 -3.45 12.73
N GLY B 159 3.99 -3.38 11.47
CA GLY B 159 4.30 -4.57 10.66
C GLY B 159 3.12 -5.51 10.50
N LEU B 160 3.25 -6.71 11.05
CA LEU B 160 2.19 -7.68 10.97
C LEU B 160 0.92 -7.11 11.62
N ASN B 161 1.04 -6.65 12.87
CA ASN B 161 -0.16 -6.42 13.66
C ASN B 161 -1.16 -5.50 12.98
N GLY B 162 -0.71 -4.74 11.99
CA GLY B 162 -1.60 -3.85 11.24
C GLY B 162 -1.44 -3.88 9.74
N LEU B 163 -0.99 -5.02 9.25
CA LEU B 163 -1.15 -5.36 7.86
C LEU B 163 -2.59 -5.82 7.68
N VAL B 164 -3.34 -5.09 6.86
CA VAL B 164 -4.78 -5.33 6.68
C VAL B 164 -5.02 -6.33 5.55
N THR B 165 -5.91 -7.31 5.76
CA THR B 165 -6.32 -8.23 4.67
C THR B 165 -7.84 -8.37 4.62
N TYR B 166 -8.38 -8.34 3.40
CA TYR B 166 -9.81 -8.12 3.16
C TYR B 166 -10.46 -9.39 2.69
N THR B 167 -11.55 -9.77 3.35
CA THR B 167 -12.31 -10.95 3.01
C THR B 167 -13.73 -10.55 2.67
N LEU B 168 -14.38 -11.28 1.77
CA LEU B 168 -15.75 -10.96 1.29
C LEU B 168 -16.73 -12.14 1.56
N LEU B 169 -17.82 -11.84 2.26
CA LEU B 169 -18.68 -12.87 2.81
C LEU B 169 -20.14 -12.65 2.41
N ASP B 170 -21.01 -13.56 2.83
CA ASP B 170 -22.46 -13.36 2.80
C ASP B 170 -22.99 -12.89 1.43
N LEU B 171 -22.34 -13.27 0.33
CA LEU B 171 -22.75 -12.75 -0.98
C LEU B 171 -23.87 -13.60 -1.60
N VAL B 172 -25.05 -13.01 -1.67
CA VAL B 172 -26.13 -13.48 -2.53
C VAL B 172 -26.12 -12.60 -3.78
N PRO B 173 -26.07 -13.14 -5.00
CA PRO B 173 -25.81 -14.53 -5.31
C PRO B 173 -24.31 -14.78 -5.38
N PRO B 174 -23.88 -16.03 -5.12
CA PRO B 174 -22.45 -16.22 -5.04
C PRO B 174 -21.76 -16.01 -6.39
N GLY B 175 -20.49 -15.67 -6.32
CA GLY B 175 -19.65 -15.59 -7.49
C GLY B 175 -19.85 -14.39 -8.40
N TYR B 176 -20.72 -13.45 -8.02
CA TYR B 176 -21.07 -12.32 -8.90
C TYR B 176 -19.95 -11.29 -8.91
N VAL B 177 -19.59 -10.82 -7.73
CA VAL B 177 -18.46 -9.90 -7.55
C VAL B 177 -17.37 -10.60 -6.76
N GLN B 178 -16.18 -10.01 -6.73
CA GLN B 178 -15.10 -10.51 -5.89
C GLN B 178 -14.15 -9.38 -5.62
N LEU B 179 -13.37 -9.50 -4.54
CA LEU B 179 -12.23 -8.61 -4.36
C LEU B 179 -11.22 -9.03 -5.42
N GLU B 180 -10.70 -8.07 -6.17
CA GLU B 180 -9.70 -8.33 -7.20
C GLU B 180 -8.46 -8.95 -6.60
N ASP B 181 -8.14 -8.49 -5.39
CA ASP B 181 -6.87 -8.75 -4.75
C ASP B 181 -7.16 -8.77 -3.26
N SER B 182 -6.79 -9.83 -2.58
CA SER B 182 -7.19 -9.98 -1.18
C SER B 182 -6.52 -9.00 -0.20
N SER B 183 -5.79 -8.00 -0.70
CA SER B 183 -5.19 -6.98 0.17
C SER B 183 -5.63 -5.55 -0.22
N ALA B 184 -6.84 -5.42 -0.73
CA ALA B 184 -7.40 -4.13 -1.04
C ALA B 184 -8.89 -4.31 -1.16
N GLY B 185 -9.67 -3.41 -0.57
CA GLY B 185 -11.12 -3.50 -0.62
C GLY B 185 -11.74 -3.07 -1.94
N LYS B 186 -11.06 -3.32 -3.06
CA LYS B 186 -11.61 -3.02 -4.39
C LYS B 186 -12.48 -4.16 -4.81
N VAL B 187 -13.78 -3.94 -4.90
CA VAL B 187 -14.70 -4.98 -5.35
C VAL B 187 -14.89 -4.85 -6.86
N ILE B 188 -14.46 -5.87 -7.60
CA ILE B 188 -14.78 -5.94 -9.03
C ILE B 188 -15.89 -6.92 -9.27
N ALA B 189 -16.49 -6.80 -10.45
CA ALA B 189 -17.56 -7.68 -10.88
C ALA B 189 -16.97 -8.70 -11.81
N ASN B 190 -17.33 -9.96 -11.56
CA ASN B 190 -16.94 -11.14 -12.32
C ASN B 190 -17.94 -11.51 -13.40
N ARG B 191 -19.09 -10.85 -13.37
CA ARG B 191 -20.19 -11.15 -14.26
C ARG B 191 -20.85 -9.85 -14.65
N THR B 192 -21.25 -9.71 -15.90
CA THR B 192 -21.83 -8.46 -16.34
C THR B 192 -23.09 -8.21 -15.53
N VAL B 193 -23.26 -6.96 -15.10
CA VAL B 193 -24.24 -6.63 -14.09
C VAL B 193 -25.62 -6.58 -14.74
N ASP B 194 -26.59 -7.28 -14.16
CA ASP B 194 -27.92 -7.35 -14.75
C ASP B 194 -29.02 -7.20 -13.70
N TYR B 195 -29.86 -6.16 -13.85
CA TYR B 195 -31.10 -5.98 -13.05
C TYR B 195 -32.11 -7.14 -13.26
N GLU B 196 -32.11 -7.70 -14.46
CA GLU B 196 -33.00 -8.81 -14.79
C GLU B 196 -32.49 -10.17 -14.25
N GLU B 197 -31.35 -10.16 -13.55
CA GLU B 197 -30.95 -11.22 -12.63
C GLU B 197 -31.01 -10.74 -11.16
N VAL B 198 -30.30 -9.65 -10.87
CA VAL B 198 -30.06 -9.17 -9.49
C VAL B 198 -30.56 -7.74 -9.29
N HIS B 199 -31.50 -7.54 -8.35
CA HIS B 199 -31.91 -6.20 -7.93
C HIS B 199 -30.94 -5.61 -6.89
N TRP B 200 -30.28 -6.47 -6.12
CA TRP B 200 -29.31 -6.01 -5.12
C TRP B 200 -28.09 -6.92 -5.00
N LEU B 201 -26.91 -6.33 -5.15
CA LEU B 201 -25.68 -7.02 -4.80
C LEU B 201 -25.31 -6.62 -3.40
N ASN B 202 -25.84 -7.38 -2.45
CA ASN B 202 -25.56 -7.19 -1.02
C ASN B 202 -24.58 -8.24 -0.52
N PHE B 203 -23.45 -7.77 0.00
CA PHE B 203 -22.43 -8.63 0.55
C PHE B 203 -21.84 -7.99 1.80
N THR B 204 -20.84 -8.60 2.39
CA THR B 204 -20.30 -8.17 3.68
C THR B 204 -18.78 -8.23 3.62
N VAL B 205 -18.11 -7.09 3.81
CA VAL B 205 -16.64 -7.02 3.69
C VAL B 205 -16.00 -7.00 5.07
N ARG B 206 -14.92 -7.74 5.20
CA ARG B 206 -14.32 -8.06 6.48
C ARG B 206 -12.83 -7.79 6.41
N ALA B 207 -12.38 -6.69 7.00
CA ALA B 207 -10.95 -6.37 7.02
C ALA B 207 -10.37 -6.96 8.27
N SER B 208 -9.15 -7.49 8.20
CA SER B 208 -8.55 -8.10 9.38
C SER B 208 -7.07 -7.94 9.42
N ASP B 209 -6.52 -7.70 10.61
CA ASP B 209 -5.06 -7.60 10.73
C ASP B 209 -4.43 -8.96 10.68
N ASN B 210 -3.13 -9.00 10.51
CA ASN B 210 -2.41 -10.27 10.54
C ASN B 210 -1.73 -10.39 11.91
N GLY B 211 -2.56 -10.30 12.94
CA GLY B 211 -2.08 -10.17 14.31
C GLY B 211 -2.06 -11.48 15.04
N SER B 212 -1.34 -11.50 16.16
CA SER B 212 -0.99 -12.74 16.85
C SER B 212 -2.27 -13.55 17.21
N PRO B 213 -3.13 -13.01 18.11
CA PRO B 213 -4.58 -13.24 17.91
C PRO B 213 -5.14 -12.19 16.95
N PRO B 214 -5.66 -12.60 15.79
CA PRO B 214 -6.01 -11.62 14.76
C PRO B 214 -7.34 -10.94 15.03
N ARG B 215 -7.30 -9.60 15.08
CA ARG B 215 -8.46 -8.72 15.25
C ARG B 215 -8.95 -8.23 13.88
N ALA B 216 -10.26 -8.05 13.76
CA ALA B 216 -10.86 -7.75 12.47
C ALA B 216 -12.13 -6.93 12.60
N ALA B 217 -12.72 -6.56 11.48
CA ALA B 217 -14.01 -5.90 11.48
C ALA B 217 -14.75 -6.21 10.20
N GLU B 218 -16.08 -6.31 10.35
CA GLU B 218 -16.97 -6.68 9.28
C GLU B 218 -17.95 -5.56 9.09
N ILE B 219 -18.26 -5.25 7.85
CA ILE B 219 -19.26 -4.22 7.51
C ILE B 219 -20.03 -4.62 6.24
N PRO B 220 -21.36 -4.40 6.22
CA PRO B 220 -22.15 -4.73 5.03
C PRO B 220 -21.86 -3.77 3.90
N VAL B 221 -22.11 -4.21 2.67
CA VAL B 221 -21.98 -3.35 1.49
C VAL B 221 -23.18 -3.55 0.56
N TYR B 222 -24.11 -2.61 0.60
CA TYR B 222 -25.34 -2.71 -0.20
C TYR B 222 -25.15 -1.95 -1.50
N LEU B 223 -25.39 -2.63 -2.62
CA LEU B 223 -25.26 -2.00 -3.92
C LEU B 223 -26.57 -2.03 -4.66
N GLU B 224 -27.21 -0.87 -4.77
CA GLU B 224 -28.54 -0.79 -5.38
C GLU B 224 -28.41 -0.86 -6.89
N ILE B 225 -29.15 -1.74 -7.55
CA ILE B 225 -29.01 -1.94 -8.99
C ILE B 225 -30.09 -1.16 -9.75
N VAL B 226 -29.63 -0.28 -10.65
CA VAL B 226 -30.49 0.62 -11.40
C VAL B 226 -30.80 0.05 -12.80
N ASP B 227 -32.08 0.09 -13.15
CA ASP B 227 -32.56 -0.42 -14.43
C ASP B 227 -32.17 0.51 -15.56
N ILE B 228 -31.77 -0.03 -16.72
CA ILE B 228 -31.76 0.77 -17.96
C ILE B 228 -32.55 0.10 -19.06
N ASN B 229 -32.98 0.88 -20.05
CA ASN B 229 -33.71 0.32 -21.18
C ASN B 229 -32.76 -0.44 -22.09
N ASP B 230 -32.49 -1.69 -21.71
CA ASP B 230 -31.58 -2.59 -22.44
C ASP B 230 -32.28 -3.86 -22.93
N ASN B 231 -33.61 -3.87 -22.87
CA ASN B 231 -34.42 -4.96 -23.40
C ASN B 231 -35.46 -4.37 -24.31
N ASN B 232 -35.54 -4.90 -25.54
CA ASN B 232 -36.64 -4.60 -26.46
C ASN B 232 -37.97 -5.12 -25.90
N PRO B 233 -39.09 -4.58 -26.40
CA PRO B 233 -40.34 -5.32 -26.28
C PRO B 233 -40.30 -6.46 -27.27
N ILE B 234 -40.65 -7.66 -26.84
CA ILE B 234 -40.75 -8.80 -27.74
C ILE B 234 -42.21 -9.19 -27.93
N PHE B 235 -42.61 -9.37 -29.19
CA PHE B 235 -43.99 -9.75 -29.52
C PHE B 235 -44.28 -11.20 -29.21
N ASP B 236 -45.53 -11.51 -28.88
CA ASP B 236 -45.91 -12.89 -28.56
C ASP B 236 -45.72 -13.86 -29.74
N GLN B 237 -46.56 -13.74 -30.77
CA GLN B 237 -46.40 -14.53 -31.99
C GLN B 237 -45.44 -13.82 -32.96
N PRO B 238 -44.70 -14.59 -33.78
CA PRO B 238 -43.92 -14.02 -34.90
C PRO B 238 -44.77 -13.22 -35.91
N SER B 239 -46.02 -13.65 -36.13
CA SER B 239 -47.01 -12.92 -36.93
C SER B 239 -48.41 -13.23 -36.39
N TYR B 240 -49.36 -12.29 -36.54
CA TYR B 240 -50.77 -12.54 -36.17
C TYR B 240 -51.68 -12.79 -37.37
N GLN B 241 -52.66 -13.69 -37.23
CA GLN B 241 -53.58 -14.06 -38.33
C GLN B 241 -54.98 -14.33 -37.81
N GLU B 242 -55.97 -13.59 -38.30
CA GLU B 242 -57.39 -13.88 -38.03
C GLU B 242 -58.29 -13.50 -39.20
N GLU B 246 -65.61 -7.14 -45.54
CA GLU B 246 -67.01 -6.88 -45.84
C GLU B 246 -67.93 -7.27 -44.68
N ASP B 247 -69.08 -6.57 -44.60
CA ASP B 247 -70.23 -6.98 -43.75
C ASP B 247 -70.06 -6.94 -42.22
N VAL B 248 -68.89 -6.53 -41.74
CA VAL B 248 -68.61 -6.48 -40.27
C VAL B 248 -68.98 -5.07 -39.71
N PRO B 249 -69.45 -4.99 -38.44
CA PRO B 249 -69.73 -3.66 -37.86
C PRO B 249 -68.51 -2.75 -37.70
N VAL B 250 -68.76 -1.44 -37.70
CA VAL B 250 -67.77 -0.43 -37.33
C VAL B 250 -67.43 -0.41 -35.82
N GLY B 251 -66.17 -0.09 -35.51
CA GLY B 251 -65.72 0.06 -34.13
C GLY B 251 -65.46 -1.20 -33.35
N THR B 252 -65.65 -2.38 -33.97
CA THR B 252 -65.57 -3.67 -33.28
C THR B 252 -64.15 -4.25 -33.41
N ILE B 253 -63.70 -4.90 -32.34
CA ILE B 253 -62.30 -5.30 -32.20
C ILE B 253 -61.99 -6.56 -33.03
N ILE B 254 -60.95 -6.49 -33.86
CA ILE B 254 -60.59 -7.61 -34.76
C ILE B 254 -59.67 -8.60 -34.05
N LEU B 255 -58.59 -8.08 -33.46
CA LEU B 255 -57.67 -8.88 -32.63
C LEU B 255 -56.77 -8.01 -31.74
N THR B 256 -56.47 -8.54 -30.56
CA THR B 256 -55.46 -7.98 -29.67
C THR B 256 -54.07 -8.48 -30.10
N VAL B 257 -53.05 -7.65 -29.88
CA VAL B 257 -51.65 -8.11 -29.88
C VAL B 257 -51.05 -7.90 -28.50
N THR B 258 -49.90 -8.53 -28.26
CA THR B 258 -49.22 -8.42 -26.98
C THR B 258 -47.70 -8.63 -27.15
N ALA B 259 -46.95 -7.77 -26.47
CA ALA B 259 -45.50 -7.89 -26.36
C ALA B 259 -45.09 -7.73 -24.89
N THR B 260 -43.90 -8.24 -24.52
CA THR B 260 -43.37 -8.00 -23.16
C THR B 260 -41.94 -7.51 -23.19
N ASP B 261 -41.61 -6.75 -22.15
CA ASP B 261 -40.35 -6.05 -22.06
C ASP B 261 -39.74 -6.35 -20.70
N ALA B 262 -38.61 -7.04 -20.72
CA ALA B 262 -38.07 -7.65 -19.51
C ALA B 262 -37.50 -6.66 -18.48
N ASP B 263 -37.54 -5.35 -18.78
CA ASP B 263 -37.20 -4.31 -17.79
C ASP B 263 -38.44 -3.95 -16.97
N SER B 264 -38.32 -2.94 -16.13
CA SER B 264 -39.36 -2.61 -15.14
C SER B 264 -39.94 -1.18 -15.20
N GLY B 265 -39.16 -0.19 -14.77
CA GLY B 265 -39.69 1.09 -14.32
C GLY B 265 -40.09 2.04 -15.42
N ASN B 266 -41.26 1.79 -16.02
CA ASN B 266 -41.74 2.50 -17.23
C ASN B 266 -40.97 2.08 -18.49
N PHE B 267 -39.90 1.32 -18.32
CA PHE B 267 -39.19 0.72 -19.42
C PHE B 267 -39.88 -0.55 -19.88
N ALA B 268 -40.97 -0.91 -19.20
CA ALA B 268 -41.87 -1.98 -19.62
C ALA B 268 -43.13 -1.49 -20.30
N LEU B 269 -43.54 -0.25 -20.04
CA LEU B 269 -44.76 0.28 -20.62
C LEU B 269 -44.62 0.34 -22.14
N ILE B 270 -45.44 -0.46 -22.82
CA ILE B 270 -45.43 -0.57 -24.27
C ILE B 270 -46.54 0.30 -24.89
N GLU B 271 -46.19 0.99 -25.96
CA GLU B 271 -47.11 1.81 -26.72
C GLU B 271 -47.35 1.10 -28.06
N TYR B 272 -48.49 0.43 -28.18
CA TYR B 272 -48.78 -0.32 -29.40
C TYR B 272 -49.30 0.61 -30.50
N SER B 273 -48.78 0.45 -31.70
CA SER B 273 -49.05 1.36 -32.82
C SER B 273 -49.06 0.59 -34.16
N LEU B 274 -49.55 1.24 -35.24
CA LEU B 274 -49.67 0.62 -36.57
C LEU B 274 -48.99 1.43 -37.71
N GLY B 275 -48.57 0.70 -38.74
CA GLY B 275 -47.92 1.26 -39.91
C GLY B 275 -48.78 1.22 -41.15
N ASP B 276 -49.97 0.65 -41.05
CA ASP B 276 -51.00 0.85 -42.08
C ASP B 276 -52.37 0.55 -41.50
N GLY B 277 -53.35 1.43 -41.79
CA GLY B 277 -54.75 1.14 -41.53
C GLY B 277 -55.69 1.44 -42.70
N GLU B 278 -55.15 1.99 -43.80
CA GLU B 278 -55.97 2.50 -44.91
C GLU B 278 -56.85 3.69 -44.48
N SER B 279 -56.45 4.37 -43.39
CA SER B 279 -57.34 5.23 -42.61
C SER B 279 -58.69 4.58 -42.19
N LYS B 280 -58.69 3.24 -42.10
CA LYS B 280 -59.87 2.45 -41.73
C LYS B 280 -59.70 1.68 -40.40
N PHE B 281 -58.46 1.35 -40.01
CA PHE B 281 -58.18 0.43 -38.89
C PHE B 281 -57.21 1.04 -37.88
N ALA B 282 -57.73 1.44 -36.72
CA ALA B 282 -56.90 2.06 -35.69
C ALA B 282 -56.58 1.07 -34.58
N ILE B 283 -55.50 1.36 -33.83
CA ILE B 283 -55.04 0.55 -32.66
C ILE B 283 -55.14 1.34 -31.35
N ASN B 284 -55.14 0.62 -30.24
CA ASN B 284 -55.08 1.23 -28.91
C ASN B 284 -53.67 1.07 -28.37
N PRO B 285 -52.97 2.18 -28.11
CA PRO B 285 -51.67 2.12 -27.42
C PRO B 285 -51.66 1.37 -26.07
N THR B 286 -52.77 1.38 -25.35
CA THR B 286 -52.87 0.71 -24.04
C THR B 286 -52.98 -0.81 -24.20
N THR B 287 -54.14 -1.29 -24.65
CA THR B 287 -54.46 -2.72 -24.60
C THR B 287 -53.73 -3.51 -25.68
N GLY B 288 -53.48 -2.86 -26.80
CA GLY B 288 -53.03 -3.52 -28.02
C GLY B 288 -54.18 -3.96 -28.91
N ASP B 289 -55.39 -3.47 -28.62
CA ASP B 289 -56.58 -3.83 -29.41
C ASP B 289 -56.62 -3.07 -30.73
N ILE B 290 -57.29 -3.66 -31.71
CA ILE B 290 -57.36 -3.11 -33.07
C ILE B 290 -58.84 -3.01 -33.47
N TYR B 291 -59.28 -1.84 -33.94
CA TYR B 291 -60.69 -1.63 -34.34
C TYR B 291 -60.80 -1.00 -35.72
N VAL B 292 -62.03 -0.76 -36.16
CA VAL B 292 -62.29 -0.22 -37.51
C VAL B 292 -63.13 1.09 -37.40
N LEU B 293 -62.71 2.12 -38.13
CA LEU B 293 -63.37 3.43 -38.07
C LEU B 293 -64.48 3.62 -39.13
N SER B 294 -64.39 2.91 -40.27
CA SER B 294 -65.46 2.94 -41.30
C SER B 294 -66.02 1.54 -41.60
N SER B 295 -67.18 1.51 -42.26
CA SER B 295 -67.83 0.24 -42.62
C SER B 295 -67.00 -0.60 -43.61
N LEU B 296 -67.37 -1.87 -43.76
CA LEU B 296 -66.54 -2.84 -44.48
C LEU B 296 -67.11 -3.22 -45.86
N ASP B 297 -66.27 -3.09 -46.88
CA ASP B 297 -66.61 -3.46 -48.25
C ASP B 297 -65.54 -4.41 -48.79
N ARG B 298 -65.99 -5.38 -49.57
CA ARG B 298 -65.09 -6.36 -50.22
C ARG B 298 -63.92 -5.72 -50.99
N GLU B 299 -64.22 -4.69 -51.78
CA GLU B 299 -63.29 -4.21 -52.81
C GLU B 299 -62.28 -3.21 -52.24
N ILE B 305 -53.20 -6.68 -44.43
CA ILE B 305 -51.81 -7.10 -44.31
C ILE B 305 -50.97 -5.97 -43.66
N LEU B 306 -50.81 -6.05 -42.34
CA LEU B 306 -50.34 -4.90 -41.51
C LEU B 306 -48.96 -5.06 -40.88
N THR B 307 -48.17 -3.97 -40.82
CA THR B 307 -47.11 -3.85 -39.81
C THR B 307 -47.74 -3.32 -38.52
N ALA B 308 -47.54 -4.03 -37.40
CA ALA B 308 -47.86 -3.52 -36.06
C ALA B 308 -46.59 -3.45 -35.20
N LEU B 309 -46.55 -2.48 -34.28
CA LEU B 309 -45.32 -2.12 -33.56
C LEU B 309 -45.52 -2.07 -32.04
N ALA B 310 -44.43 -2.29 -31.29
CA ALA B 310 -44.43 -2.15 -29.83
C ALA B 310 -43.23 -1.33 -29.41
N LYS B 311 -43.48 -0.24 -28.64
CA LYS B 311 -42.41 0.68 -28.21
C LYS B 311 -42.44 1.01 -26.72
N ASP B 312 -41.32 0.76 -26.05
CA ASP B 312 -41.21 0.93 -24.61
C ASP B 312 -40.97 2.36 -24.24
N ASN B 313 -40.98 2.65 -22.94
CA ASN B 313 -40.51 3.92 -22.40
C ASN B 313 -41.02 5.14 -23.17
N PRO B 314 -42.34 5.35 -23.17
CA PRO B 314 -42.88 6.59 -23.70
C PRO B 314 -42.69 7.70 -22.68
N GLY B 315 -42.74 8.95 -23.13
CA GLY B 315 -42.42 10.09 -22.29
C GLY B 315 -40.92 10.25 -22.04
N ASP B 316 -40.10 9.67 -22.92
CA ASP B 316 -38.63 9.78 -22.85
C ASP B 316 -38.10 9.71 -24.28
N VAL B 317 -36.95 10.32 -24.51
CA VAL B 317 -36.50 10.60 -25.89
C VAL B 317 -36.22 9.31 -26.69
N ALA B 318 -36.46 9.39 -28.00
CA ALA B 318 -36.32 8.24 -28.90
C ALA B 318 -35.03 7.47 -28.67
N SER B 319 -33.93 8.23 -28.53
CA SER B 319 -32.60 7.70 -28.24
C SER B 319 -32.56 6.67 -27.11
N ASN B 320 -33.46 6.78 -26.12
CA ASN B 320 -33.61 5.70 -25.10
C ASN B 320 -34.88 4.88 -25.24
N ARG B 321 -35.19 4.44 -26.46
CA ARG B 321 -36.32 3.53 -26.69
C ARG B 321 -35.93 2.35 -27.57
N ARG B 322 -36.77 1.32 -27.53
CA ARG B 322 -36.53 0.07 -28.24
C ARG B 322 -37.87 -0.50 -28.65
N GLU B 323 -37.84 -1.43 -29.60
CA GLU B 323 -39.06 -1.85 -30.29
C GLU B 323 -38.90 -3.16 -31.05
N ASN B 324 -39.99 -3.91 -31.19
CA ASN B 324 -40.11 -4.94 -32.23
C ASN B 324 -41.35 -4.71 -33.07
N SER B 325 -41.35 -5.30 -34.25
CA SER B 325 -42.42 -5.15 -35.23
C SER B 325 -42.96 -6.50 -35.65
N VAL B 326 -44.27 -6.69 -35.49
CA VAL B 326 -44.95 -7.91 -35.92
C VAL B 326 -45.79 -7.60 -37.17
N GLN B 327 -46.12 -8.63 -37.95
CA GLN B 327 -47.02 -8.50 -39.11
C GLN B 327 -48.40 -9.11 -38.76
N VAL B 328 -49.44 -8.67 -39.48
CA VAL B 328 -50.83 -9.06 -39.14
C VAL B 328 -51.68 -9.32 -40.40
N VAL B 329 -52.47 -10.40 -40.36
CA VAL B 329 -53.47 -10.73 -41.40
C VAL B 329 -54.88 -10.65 -40.82
#